data_4MQT
#
_entry.id   4MQT
#
_cell.length_a   59.032
_cell.length_b   77.399
_cell.length_c   163.822
_cell.angle_alpha   90.00
_cell.angle_beta   90.00
_cell.angle_gamma   90.00
#
_symmetry.space_group_name_H-M   'P 21 21 21'
#
loop_
_entity.id
_entity.type
_entity.pdbx_description
1 polymer 'Muscarinic acetylcholine receptor M2'
2 polymer 'Nanobody 9-8'
3 non-polymer 4-(4,5-dihydro-1,2-oxazol-3-yloxy)-N,N,N-trimethylbut-2-yn-1-aminium
4 non-polymer 3-amino-5-chloro-N-cyclopropyl-4-methyl-6-[2-(4-methylpiperazin-1-yl)-2-oxoethoxy]thieno[2,3-b]pyridine-2-carboxamide
#
loop_
_entity_poly.entity_id
_entity_poly.type
_entity_poly.pdbx_seq_one_letter_code
_entity_poly.pdbx_strand_id
1 'polypeptide(L)'
;DYKDDDENLYFQGLEMDDSTDSSDNSLALTSPYLEKTFEVVFIVLVAGSLSLVTIIGNILVMVSIKVNRHLQTVNNYFLF
SLACADLIIGVFSMNLYTLYTVIGYWPLGPVVCDLWLALDYVVSNASVMNLLIISFDRYFCVTKPLTYPVKRTTKMAGMM
IAAAWVLSFILWAPAILFWQFIVGVRTVEDGECYIQFFSNAAVTFGTAIAAFYLPVIIMTVLYWHISRASKSRIKKDKKE
PVANQDPVSTRKKPPPSREKKVTRTILAILLAFIITWAPYNVMVLINTFCAPCIPNTVWTIGYWLCYINSTINPACYALC
NATFKKTFKHLLMCHYKNIGATRHHHHHHHH
;
A
2 'polypeptide(L)'
;GPGSQVQLQESGGGLVQAGDSLRLSCAASGFDFDNFDDYAIGWFRQAPGQEREGVSCIDPSDGSTIYADSAKGRFTISSD
NAENTVYLQMNSLKPEDTAVYVCSAWTLFHSDEYWGQGTQVTVSS
;
B
#
loop_
_chem_comp.id
_chem_comp.type
_chem_comp.name
_chem_comp.formula
2CU non-polymer 3-amino-5-chloro-N-cyclopropyl-4-methyl-6-[2-(4-methylpiperazin-1-yl)-2-oxoethoxy]thieno[2,3-b]pyridine-2-carboxamide 'C19 H24 Cl N5 O3 S'
IXO non-polymer 4-(4,5-dihydro-1,2-oxazol-3-yloxy)-N,N,N-trimethylbut-2-yn-1-aminium 'C10 H17 N2 O2 1'
#
# COMPACT_ATOMS: atom_id res chain seq x y z
N LYS A 36 -26.31 -15.84 29.57
CA LYS A 36 -25.44 -16.85 28.97
C LYS A 36 -26.05 -17.39 27.68
N THR A 37 -27.38 -17.42 27.63
CA THR A 37 -28.09 -17.94 26.47
C THR A 37 -28.04 -16.98 25.29
N PHE A 38 -27.99 -15.69 25.57
CA PHE A 38 -27.95 -14.68 24.53
C PHE A 38 -26.52 -14.16 24.30
N GLU A 39 -25.66 -14.39 25.29
CA GLU A 39 -24.28 -13.92 25.23
C GLU A 39 -23.49 -14.55 24.10
N VAL A 40 -23.57 -15.87 23.99
CA VAL A 40 -22.84 -16.61 22.96
C VAL A 40 -23.21 -16.15 21.54
N VAL A 41 -24.52 -15.98 21.32
CA VAL A 41 -25.01 -15.52 20.03
C VAL A 41 -24.56 -14.09 19.74
N PHE A 42 -24.48 -13.28 20.80
CA PHE A 42 -24.00 -11.91 20.66
C PHE A 42 -22.54 -11.89 20.23
N ILE A 43 -21.75 -12.75 20.87
CA ILE A 43 -20.33 -12.90 20.52
C ILE A 43 -20.17 -13.32 19.06
N VAL A 44 -20.87 -14.38 18.67
CA VAL A 44 -20.77 -14.90 17.32
C VAL A 44 -21.28 -13.90 16.29
N LEU A 45 -22.21 -13.04 16.71
CA LEU A 45 -22.73 -12.00 15.82
C LEU A 45 -21.71 -10.89 15.61
N VAL A 46 -21.15 -10.37 16.70
CA VAL A 46 -20.14 -9.33 16.60
C VAL A 46 -18.93 -9.80 15.80
N ALA A 47 -18.30 -10.89 16.28
CA ALA A 47 -17.11 -11.43 15.63
C ALA A 47 -17.40 -11.86 14.19
N GLY A 48 -18.47 -12.62 14.01
CA GLY A 48 -18.85 -13.11 12.70
C GLY A 48 -19.09 -12.01 11.69
N SER A 49 -19.86 -10.99 12.09
CA SER A 49 -20.14 -9.86 11.22
C SER A 49 -18.87 -9.06 10.93
N LEU A 50 -17.98 -8.99 11.91
CA LEU A 50 -16.70 -8.32 11.72
C LEU A 50 -15.91 -9.00 10.60
N SER A 51 -15.79 -10.32 10.70
CA SER A 51 -15.10 -11.11 9.69
C SER A 51 -15.77 -10.95 8.32
N LEU A 52 -17.10 -10.96 8.33
CA LEU A 52 -17.88 -10.77 7.10
C LEU A 52 -17.55 -9.45 6.43
N VAL A 53 -17.53 -8.37 7.22
CA VAL A 53 -17.18 -7.06 6.72
C VAL A 53 -15.76 -7.05 6.16
N THR A 54 -14.87 -7.77 6.83
CA THR A 54 -13.49 -7.89 6.37
C THR A 54 -13.43 -8.48 4.95
N ILE A 55 -13.94 -9.70 4.80
CA ILE A 55 -13.89 -10.37 3.51
C ILE A 55 -14.65 -9.61 2.42
N ILE A 56 -15.80 -9.04 2.77
CA ILE A 56 -16.57 -8.24 1.82
C ILE A 56 -15.74 -7.05 1.31
N GLY A 57 -15.18 -6.29 2.25
CA GLY A 57 -14.36 -5.14 1.92
C GLY A 57 -13.18 -5.47 1.02
N ASN A 58 -12.40 -6.48 1.41
CA ASN A 58 -11.23 -6.84 0.60
C ASN A 58 -11.59 -7.41 -0.78
N ILE A 59 -12.66 -8.20 -0.82
CA ILE A 59 -13.19 -8.68 -2.10
C ILE A 59 -13.51 -7.48 -2.98
N LEU A 60 -14.13 -6.47 -2.38
CA LEU A 60 -14.43 -5.23 -3.09
C LEU A 60 -13.19 -4.53 -3.60
N VAL A 61 -12.12 -4.57 -2.81
CA VAL A 61 -10.86 -3.96 -3.25
C VAL A 61 -10.33 -4.67 -4.50
N MET A 62 -10.15 -5.97 -4.39
CA MET A 62 -9.65 -6.78 -5.51
C MET A 62 -10.51 -6.58 -6.77
N VAL A 63 -11.81 -6.76 -6.60
CA VAL A 63 -12.77 -6.61 -7.69
C VAL A 63 -12.71 -5.22 -8.32
N SER A 64 -12.59 -4.19 -7.49
CA SER A 64 -12.54 -2.81 -7.99
C SER A 64 -11.25 -2.54 -8.73
N ILE A 65 -10.17 -3.21 -8.32
CA ILE A 65 -8.91 -3.04 -9.03
C ILE A 65 -8.90 -3.77 -10.37
N LYS A 66 -9.51 -4.95 -10.42
CA LYS A 66 -9.61 -5.69 -11.68
C LYS A 66 -10.59 -5.03 -12.67
N VAL A 67 -11.73 -4.58 -12.15
CA VAL A 67 -12.80 -3.99 -12.95
C VAL A 67 -12.46 -2.61 -13.52
N ASN A 68 -11.83 -1.76 -12.71
CA ASN A 68 -11.49 -0.41 -13.14
C ASN A 68 -10.03 -0.29 -13.57
N ARG A 69 -9.81 -0.22 -14.87
CA ARG A 69 -8.48 -0.10 -15.46
C ARG A 69 -7.73 1.15 -14.98
N HIS A 70 -8.47 2.20 -14.67
CA HIS A 70 -7.87 3.49 -14.28
C HIS A 70 -7.03 3.40 -13.00
N LEU A 71 -7.41 2.50 -12.11
CA LEU A 71 -6.70 2.32 -10.84
C LEU A 71 -5.69 1.19 -10.90
N GLN A 72 -5.45 0.67 -12.10
CA GLN A 72 -4.53 -0.44 -12.27
C GLN A 72 -3.09 0.05 -12.41
N THR A 73 -2.63 0.78 -11.41
CA THR A 73 -1.24 1.22 -11.37
C THR A 73 -0.40 0.21 -10.61
N VAL A 74 0.92 0.37 -10.68
CA VAL A 74 1.83 -0.53 -9.98
C VAL A 74 1.67 -0.41 -8.47
N ASN A 75 1.33 0.78 -8.01
CA ASN A 75 1.11 1.03 -6.59
C ASN A 75 -0.08 0.27 -6.03
N ASN A 76 -1.00 -0.13 -6.92
CA ASN A 76 -2.20 -0.84 -6.50
C ASN A 76 -2.09 -2.36 -6.56
N TYR A 77 -0.98 -2.84 -7.13
CA TYR A 77 -0.71 -4.28 -7.12
C TYR A 77 -0.39 -4.72 -5.70
N PHE A 78 0.33 -3.86 -4.98
CA PHE A 78 0.64 -4.11 -3.58
C PHE A 78 -0.63 -4.10 -2.75
N LEU A 79 -1.57 -3.24 -3.14
CA LEU A 79 -2.87 -3.18 -2.50
C LEU A 79 -3.68 -4.43 -2.81
N PHE A 80 -3.43 -5.00 -3.99
CA PHE A 80 -4.11 -6.22 -4.40
C PHE A 80 -3.62 -7.39 -3.54
N SER A 81 -2.31 -7.54 -3.45
CA SER A 81 -1.71 -8.57 -2.61
C SER A 81 -2.15 -8.41 -1.15
N LEU A 82 -2.14 -7.17 -0.68
CA LEU A 82 -2.56 -6.85 0.67
C LEU A 82 -4.01 -7.28 0.89
N ALA A 83 -4.85 -7.00 -0.09
CA ALA A 83 -6.26 -7.37 -0.03
C ALA A 83 -6.42 -8.89 0.00
N CYS A 84 -5.51 -9.58 -0.68
CA CYS A 84 -5.52 -11.05 -0.68
C CYS A 84 -5.19 -11.59 0.70
N ALA A 85 -4.09 -11.11 1.29
CA ALA A 85 -3.68 -11.53 2.62
C ALA A 85 -4.78 -11.23 3.65
N ASP A 86 -5.35 -10.04 3.56
CA ASP A 86 -6.42 -9.63 4.46
C ASP A 86 -7.69 -10.43 4.23
N LEU A 87 -7.84 -10.97 3.02
CA LEU A 87 -8.98 -11.83 2.71
C LEU A 87 -8.81 -13.17 3.38
N ILE A 88 -7.60 -13.73 3.26
CA ILE A 88 -7.25 -14.99 3.92
C ILE A 88 -7.44 -14.87 5.43
N ILE A 89 -6.92 -13.79 6.00
CA ILE A 89 -7.08 -13.52 7.43
C ILE A 89 -8.55 -13.36 7.80
N GLY A 90 -9.30 -12.67 6.94
CA GLY A 90 -10.70 -12.39 7.19
C GLY A 90 -11.59 -13.61 7.19
N VAL A 91 -11.27 -14.59 6.35
CA VAL A 91 -12.13 -15.77 6.23
C VAL A 91 -11.73 -16.92 7.18
N PHE A 92 -10.43 -17.19 7.29
CA PHE A 92 -9.97 -18.38 8.01
C PHE A 92 -9.60 -18.12 9.47
N SER A 93 -8.69 -17.17 9.70
CA SER A 93 -8.20 -16.88 11.04
C SER A 93 -9.32 -16.41 11.98
N MET A 94 -10.09 -15.43 11.51
CA MET A 94 -11.12 -14.82 12.34
C MET A 94 -12.21 -15.80 12.76
N ASN A 95 -12.67 -16.64 11.83
CA ASN A 95 -13.74 -17.58 12.12
C ASN A 95 -13.28 -18.73 13.03
N LEU A 96 -12.08 -19.23 12.78
CA LEU A 96 -11.54 -20.32 13.59
C LEU A 96 -11.19 -19.84 15.00
N TYR A 97 -10.72 -18.61 15.12
CA TYR A 97 -10.44 -18.05 16.44
C TYR A 97 -11.74 -17.68 17.15
N THR A 98 -12.76 -17.34 16.37
CA THR A 98 -14.09 -17.09 16.92
C THR A 98 -14.63 -18.38 17.51
N LEU A 99 -14.39 -19.49 16.80
CA LEU A 99 -14.81 -20.80 17.26
C LEU A 99 -14.05 -21.17 18.54
N TYR A 100 -12.73 -21.07 18.47
CA TYR A 100 -11.84 -21.29 19.61
C TYR A 100 -12.34 -20.57 20.85
N THR A 101 -12.62 -19.28 20.71
CA THR A 101 -13.02 -18.45 21.84
C THR A 101 -14.44 -18.73 22.31
N VAL A 102 -15.33 -19.09 21.38
CA VAL A 102 -16.74 -19.27 21.70
C VAL A 102 -17.03 -20.63 22.33
N ILE A 103 -16.15 -21.60 22.10
CA ILE A 103 -16.34 -22.93 22.69
C ILE A 103 -15.60 -23.06 24.02
N GLY A 104 -14.48 -22.35 24.14
CA GLY A 104 -13.69 -22.37 25.36
C GLY A 104 -12.43 -23.19 25.20
N TYR A 105 -12.34 -23.91 24.09
CA TYR A 105 -11.18 -24.74 23.79
C TYR A 105 -11.10 -25.01 22.28
N TRP A 106 -10.02 -25.67 21.86
CA TRP A 106 -9.83 -26.00 20.45
C TRP A 106 -10.07 -27.49 20.21
N PRO A 107 -11.27 -27.82 19.69
CA PRO A 107 -11.68 -29.22 19.53
C PRO A 107 -11.11 -29.86 18.26
N LEU A 108 -10.87 -29.07 17.22
CA LEU A 108 -10.56 -29.58 15.89
C LEU A 108 -9.38 -30.56 15.80
N GLY A 109 -8.45 -30.47 16.74
CA GLY A 109 -7.34 -31.41 16.78
C GLY A 109 -5.98 -30.78 16.53
N PRO A 110 -4.91 -31.48 16.91
CA PRO A 110 -3.53 -30.99 16.83
C PRO A 110 -3.05 -30.71 15.41
N VAL A 111 -3.46 -31.56 14.46
CA VAL A 111 -3.02 -31.38 13.08
C VAL A 111 -3.49 -30.05 12.50
N VAL A 112 -4.80 -29.84 12.51
CA VAL A 112 -5.40 -28.61 11.99
C VAL A 112 -5.10 -27.43 12.93
N CYS A 113 -4.70 -27.73 14.15
CA CYS A 113 -4.23 -26.69 15.06
C CYS A 113 -2.94 -26.11 14.51
N ASP A 114 -1.96 -26.98 14.31
CA ASP A 114 -0.67 -26.56 13.76
C ASP A 114 -0.86 -25.90 12.40
N LEU A 115 -1.75 -26.47 11.59
CA LEU A 115 -2.05 -25.92 10.27
C LEU A 115 -2.61 -24.50 10.34
N TRP A 116 -3.65 -24.32 11.15
CA TRP A 116 -4.32 -23.02 11.29
C TRP A 116 -3.39 -21.96 11.84
N LEU A 117 -2.60 -22.35 12.83
CA LEU A 117 -1.67 -21.41 13.42
C LEU A 117 -0.57 -21.00 12.45
N ALA A 118 -0.02 -21.99 11.75
CA ALA A 118 0.96 -21.73 10.69
C ALA A 118 0.42 -20.77 9.65
N LEU A 119 -0.75 -21.10 9.11
CA LEU A 119 -1.42 -20.28 8.11
C LEU A 119 -1.60 -18.85 8.61
N ASP A 120 -2.27 -18.72 9.76
CA ASP A 120 -2.54 -17.42 10.38
C ASP A 120 -1.28 -16.56 10.49
N TYR A 121 -0.27 -17.10 11.16
CA TYR A 121 0.98 -16.36 11.36
C TYR A 121 1.65 -15.98 10.04
N VAL A 122 1.69 -16.92 9.10
CA VAL A 122 2.34 -16.67 7.81
C VAL A 122 1.65 -15.57 7.00
N VAL A 123 0.32 -15.61 6.94
CA VAL A 123 -0.42 -14.63 6.15
C VAL A 123 -0.52 -13.26 6.84
N SER A 124 -0.47 -13.25 8.18
CA SER A 124 -0.42 -11.99 8.91
C SER A 124 0.93 -11.31 8.72
N ASN A 125 2.00 -12.09 8.88
CA ASN A 125 3.34 -11.59 8.62
C ASN A 125 3.44 -11.13 7.17
N ALA A 126 2.76 -11.84 6.28
CA ALA A 126 2.69 -11.46 4.87
C ALA A 126 2.03 -10.10 4.72
N SER A 127 0.94 -9.89 5.45
CA SER A 127 0.24 -8.60 5.44
C SER A 127 1.17 -7.47 5.88
N VAL A 128 1.84 -7.66 7.00
CA VAL A 128 2.76 -6.65 7.52
C VAL A 128 3.92 -6.36 6.56
N MET A 129 4.48 -7.42 5.98
CA MET A 129 5.55 -7.26 4.99
C MET A 129 5.04 -6.52 3.76
N ASN A 130 3.76 -6.70 3.45
CA ASN A 130 3.14 -5.97 2.35
C ASN A 130 3.03 -4.49 2.66
N LEU A 131 2.61 -4.18 3.89
CA LEU A 131 2.56 -2.78 4.34
C LEU A 131 3.95 -2.15 4.27
N LEU A 132 4.95 -2.92 4.68
CA LEU A 132 6.34 -2.48 4.64
C LEU A 132 6.79 -2.16 3.22
N ILE A 133 6.52 -3.09 2.30
CA ILE A 133 6.93 -2.94 0.92
C ILE A 133 6.19 -1.77 0.25
N ILE A 134 4.97 -1.52 0.71
CA ILE A 134 4.20 -0.36 0.26
C ILE A 134 4.89 0.90 0.74
N SER A 135 5.33 0.90 1.99
CA SER A 135 6.06 2.02 2.56
C SER A 135 7.31 2.34 1.74
N PHE A 136 8.09 1.30 1.44
CA PHE A 136 9.29 1.44 0.60
C PHE A 136 8.94 2.06 -0.74
N ASP A 137 7.98 1.45 -1.44
CA ASP A 137 7.56 1.90 -2.76
C ASP A 137 7.16 3.38 -2.76
N ARG A 138 6.37 3.77 -1.78
CA ARG A 138 5.93 5.15 -1.66
C ARG A 138 7.11 6.09 -1.40
N TYR A 139 8.05 5.64 -0.57
CA TYR A 139 9.27 6.41 -0.33
C TYR A 139 10.00 6.68 -1.63
N PHE A 140 10.26 5.63 -2.40
CA PHE A 140 11.00 5.78 -3.65
C PHE A 140 10.24 6.62 -4.68
N CYS A 141 8.92 6.50 -4.69
CA CYS A 141 8.10 7.33 -5.58
C CYS A 141 8.18 8.80 -5.18
N VAL A 142 8.33 9.05 -3.89
CA VAL A 142 8.43 10.43 -3.39
C VAL A 142 9.79 11.07 -3.66
N THR A 143 10.85 10.37 -3.27
CA THR A 143 12.21 10.93 -3.37
C THR A 143 12.65 11.23 -4.81
N LYS A 144 12.65 10.22 -5.67
CA LYS A 144 12.97 10.40 -7.08
C LYS A 144 11.69 10.39 -7.90
N PRO A 145 11.05 11.55 -8.04
CA PRO A 145 9.67 11.67 -8.51
C PRO A 145 9.49 11.42 -10.01
N LEU A 146 10.59 11.39 -10.76
CA LEU A 146 10.50 11.24 -12.21
C LEU A 146 11.18 9.98 -12.72
N THR A 147 12.18 9.51 -11.99
CA THR A 147 12.97 8.37 -12.43
C THR A 147 12.37 7.04 -11.98
N TYR A 148 12.11 6.92 -10.68
CA TYR A 148 11.58 5.68 -10.09
C TYR A 148 10.25 5.18 -10.65
N PRO A 149 9.23 6.07 -10.79
CA PRO A 149 7.94 5.58 -11.30
C PRO A 149 8.03 4.92 -12.68
N VAL A 150 8.93 5.42 -13.53
CA VAL A 150 9.12 4.86 -14.86
C VAL A 150 10.03 3.63 -14.82
N LYS A 151 11.07 3.70 -14.01
CA LYS A 151 12.02 2.61 -13.88
C LYS A 151 11.41 1.37 -13.24
N ARG A 152 10.49 1.59 -12.30
CA ARG A 152 9.81 0.48 -11.62
C ARG A 152 8.77 -0.15 -12.55
N THR A 153 8.89 -1.46 -12.76
CA THR A 153 7.96 -2.19 -13.61
C THR A 153 7.10 -3.16 -12.80
N THR A 154 6.10 -3.74 -13.45
CA THR A 154 5.18 -4.67 -12.79
C THR A 154 5.89 -5.93 -12.31
N LYS A 155 6.89 -6.36 -13.08
CA LYS A 155 7.69 -7.53 -12.74
C LYS A 155 8.36 -7.34 -11.38
N MET A 156 8.86 -6.13 -11.14
CA MET A 156 9.48 -5.78 -9.87
C MET A 156 8.47 -5.86 -8.74
N ALA A 157 7.26 -5.40 -9.00
CA ALA A 157 6.18 -5.45 -8.00
C ALA A 157 5.86 -6.88 -7.62
N GLY A 158 5.71 -7.74 -8.63
CA GLY A 158 5.47 -9.15 -8.40
C GLY A 158 6.61 -9.79 -7.62
N MET A 159 7.83 -9.38 -7.93
CA MET A 159 9.02 -9.88 -7.26
C MET A 159 9.01 -9.51 -5.78
N MET A 160 8.64 -8.27 -5.48
CA MET A 160 8.62 -7.78 -4.11
C MET A 160 7.49 -8.42 -3.30
N ILE A 161 6.34 -8.60 -3.93
CA ILE A 161 5.22 -9.30 -3.30
C ILE A 161 5.61 -10.74 -2.96
N ALA A 162 6.15 -11.44 -3.96
CA ALA A 162 6.62 -12.80 -3.77
C ALA A 162 7.67 -12.88 -2.67
N ALA A 163 8.53 -11.87 -2.61
CA ALA A 163 9.56 -11.79 -1.58
C ALA A 163 8.92 -11.68 -0.20
N ALA A 164 7.89 -10.85 -0.10
CA ALA A 164 7.17 -10.68 1.16
C ALA A 164 6.56 -11.99 1.64
N TRP A 165 5.77 -12.62 0.76
CA TRP A 165 5.11 -13.87 1.11
C TRP A 165 6.11 -14.98 1.46
N VAL A 166 7.14 -15.12 0.65
CA VAL A 166 8.18 -16.13 0.87
C VAL A 166 8.88 -15.91 2.21
N LEU A 167 9.33 -14.69 2.47
CA LEU A 167 10.02 -14.39 3.73
C LEU A 167 9.12 -14.61 4.94
N SER A 168 7.84 -14.29 4.79
CA SER A 168 6.87 -14.54 5.85
C SER A 168 6.78 -16.04 6.15
N PHE A 169 6.56 -16.82 5.10
CA PHE A 169 6.48 -18.27 5.20
C PHE A 169 7.72 -18.87 5.87
N ILE A 170 8.89 -18.48 5.38
CA ILE A 170 10.15 -18.99 5.90
C ILE A 170 10.33 -18.62 7.37
N LEU A 171 10.00 -17.37 7.71
CA LEU A 171 10.16 -16.91 9.08
C LEU A 171 9.25 -17.62 10.06
N TRP A 172 8.03 -17.94 9.63
CA TRP A 172 7.04 -18.47 10.57
C TRP A 172 6.72 -19.96 10.47
N ALA A 173 6.36 -20.43 9.27
CA ALA A 173 5.89 -21.80 9.09
C ALA A 173 6.80 -22.93 9.61
N PRO A 174 8.08 -22.95 9.22
CA PRO A 174 8.91 -24.08 9.66
C PRO A 174 9.07 -24.15 11.18
N ALA A 175 9.08 -22.99 11.82
CA ALA A 175 9.29 -22.91 13.26
C ALA A 175 8.04 -23.36 14.03
N ILE A 176 6.87 -23.24 13.39
CA ILE A 176 5.61 -23.53 14.05
C ILE A 176 5.29 -25.03 14.11
N LEU A 177 5.27 -25.69 12.96
CA LEU A 177 4.88 -27.09 12.89
C LEU A 177 5.97 -28.04 13.38
N PHE A 178 7.22 -27.73 13.06
CA PHE A 178 8.32 -28.63 13.33
C PHE A 178 8.98 -28.41 14.69
N TRP A 179 8.32 -27.65 15.55
CA TRP A 179 8.87 -27.38 16.88
C TRP A 179 8.67 -28.59 17.79
N GLN A 180 7.55 -29.28 17.61
CA GLN A 180 7.25 -30.48 18.39
C GLN A 180 8.18 -31.62 18.01
N PHE A 181 8.54 -31.70 16.73
CA PHE A 181 9.43 -32.75 16.24
C PHE A 181 10.84 -32.56 16.80
N ILE A 182 11.23 -31.31 17.01
CA ILE A 182 12.58 -30.99 17.48
C ILE A 182 12.69 -31.13 19.00
N VAL A 183 11.72 -30.57 19.71
CA VAL A 183 11.70 -30.64 21.17
C VAL A 183 11.55 -32.08 21.65
N GLY A 184 10.67 -32.83 21.01
CA GLY A 184 10.43 -34.22 21.37
C GLY A 184 9.05 -34.42 21.98
N VAL A 185 8.36 -33.32 22.27
CA VAL A 185 7.01 -33.33 22.81
C VAL A 185 6.21 -32.15 22.25
N ARG A 186 4.89 -32.28 22.16
CA ARG A 186 4.03 -31.16 21.85
C ARG A 186 3.56 -30.48 23.13
N THR A 187 4.12 -29.31 23.42
CA THR A 187 3.82 -28.57 24.64
C THR A 187 2.37 -28.09 24.68
N VAL A 188 1.75 -27.99 23.51
CA VAL A 188 0.36 -27.57 23.40
C VAL A 188 -0.58 -28.52 24.14
N GLU A 189 -1.40 -27.95 25.01
CA GLU A 189 -2.37 -28.72 25.79
C GLU A 189 -3.41 -29.36 24.89
N ASP A 190 -4.17 -30.30 25.43
CA ASP A 190 -5.18 -31.01 24.65
C ASP A 190 -6.36 -30.12 24.29
N GLY A 191 -6.74 -29.25 25.20
CA GLY A 191 -7.87 -28.36 25.00
C GLY A 191 -7.50 -27.07 24.30
N GLU A 192 -6.36 -26.50 24.67
CA GLU A 192 -5.92 -25.23 24.12
C GLU A 192 -5.10 -25.43 22.83
N CYS A 193 -5.00 -24.37 22.04
CA CYS A 193 -4.20 -24.40 20.81
C CYS A 193 -3.43 -23.11 20.63
N TYR A 194 -2.22 -23.09 21.17
CA TYR A 194 -1.31 -21.96 21.04
C TYR A 194 -0.04 -22.46 20.35
N ILE A 195 0.91 -21.57 20.15
CA ILE A 195 2.20 -21.96 19.58
C ILE A 195 3.15 -22.39 20.70
N GLN A 196 3.91 -23.45 20.45
CA GLN A 196 4.80 -24.02 21.44
C GLN A 196 6.03 -23.15 21.72
N PHE A 197 6.69 -22.64 20.67
CA PHE A 197 7.98 -21.96 20.84
C PHE A 197 7.97 -20.68 21.68
N PHE A 198 6.79 -20.20 22.04
CA PHE A 198 6.68 -19.02 22.89
C PHE A 198 7.00 -19.37 24.33
N SER A 199 7.06 -20.67 24.64
CA SER A 199 7.45 -21.13 25.96
C SER A 199 8.90 -20.75 26.24
N ASN A 200 9.70 -20.72 25.18
CA ASN A 200 11.07 -20.23 25.28
C ASN A 200 11.25 -18.87 24.59
N ALA A 201 11.74 -17.89 25.35
CA ALA A 201 11.76 -16.50 24.91
C ALA A 201 12.76 -16.19 23.80
N ALA A 202 13.85 -16.95 23.76
CA ALA A 202 14.94 -16.72 22.82
C ALA A 202 14.48 -16.67 21.36
N VAL A 203 13.56 -17.55 21.01
CA VAL A 203 13.00 -17.59 19.66
C VAL A 203 11.85 -16.58 19.55
N THR A 204 11.09 -16.47 20.63
CA THR A 204 9.95 -15.55 20.71
C THR A 204 10.34 -14.14 20.28
N PHE A 205 11.36 -13.58 20.93
CA PHE A 205 11.81 -12.23 20.62
C PHE A 205 12.30 -12.13 19.17
N GLY A 206 13.18 -13.06 18.80
CA GLY A 206 13.76 -13.07 17.47
C GLY A 206 12.75 -13.05 16.35
N THR A 207 11.65 -13.79 16.51
CA THR A 207 10.59 -13.80 15.51
C THR A 207 9.71 -12.56 15.61
N ALA A 208 9.35 -12.18 16.83
CA ALA A 208 8.45 -11.06 17.06
C ALA A 208 9.00 -9.74 16.55
N ILE A 209 10.29 -9.51 16.72
CA ILE A 209 10.90 -8.27 16.24
C ILE A 209 11.05 -8.27 14.71
N ALA A 210 11.28 -9.46 14.15
CA ALA A 210 11.43 -9.60 12.71
C ALA A 210 10.07 -9.53 12.02
N ALA A 211 9.01 -9.66 12.81
CA ALA A 211 7.66 -9.61 12.28
C ALA A 211 7.01 -8.24 12.49
N PHE A 212 7.35 -7.59 13.59
CA PHE A 212 6.67 -6.36 13.97
C PHE A 212 7.61 -5.19 14.26
N TYR A 213 8.48 -5.36 15.26
CA TYR A 213 9.30 -4.26 15.76
C TYR A 213 10.24 -3.66 14.70
N LEU A 214 11.06 -4.50 14.09
CA LEU A 214 11.91 -4.04 12.99
C LEU A 214 11.12 -3.42 11.82
N PRO A 215 10.09 -4.14 11.32
CA PRO A 215 9.29 -3.54 10.25
C PRO A 215 8.62 -2.21 10.63
N VAL A 216 8.12 -2.08 11.85
CA VAL A 216 7.47 -0.84 12.26
C VAL A 216 8.48 0.29 12.41
N ILE A 217 9.69 -0.05 12.87
CA ILE A 217 10.77 0.92 12.94
C ILE A 217 11.07 1.46 11.54
N ILE A 218 11.28 0.54 10.59
CA ILE A 218 11.57 0.91 9.21
C ILE A 218 10.46 1.78 8.61
N MET A 219 9.22 1.32 8.77
CA MET A 219 8.06 2.04 8.25
C MET A 219 7.99 3.46 8.79
N THR A 220 8.08 3.59 10.12
CA THR A 220 8.02 4.91 10.75
C THR A 220 9.15 5.84 10.29
N VAL A 221 10.37 5.30 10.19
CA VAL A 221 11.50 6.14 9.81
C VAL A 221 11.45 6.60 8.34
N LEU A 222 11.13 5.68 7.42
CA LEU A 222 11.08 6.09 6.02
C LEU A 222 9.83 6.92 5.70
N TYR A 223 8.76 6.71 6.45
CA TYR A 223 7.59 7.57 6.34
C TYR A 223 7.92 8.96 6.86
N TRP A 224 8.78 9.01 7.88
CA TRP A 224 9.29 10.28 8.40
C TRP A 224 10.10 10.98 7.33
N HIS A 225 10.90 10.20 6.60
CA HIS A 225 11.65 10.73 5.45
C HIS A 225 10.71 11.30 4.40
N ILE A 226 9.66 10.56 4.08
CA ILE A 226 8.66 11.00 3.11
C ILE A 226 8.05 12.34 3.52
N SER A 227 7.48 12.39 4.73
CA SER A 227 6.81 13.59 5.21
C SER A 227 7.74 14.79 5.28
N ARG A 228 8.97 14.56 5.76
CA ARG A 228 9.90 15.66 5.97
C ARG A 228 10.52 16.18 4.66
N ALA A 229 10.68 15.30 3.68
CA ALA A 229 11.35 15.68 2.44
C ALA A 229 10.41 16.11 1.32
N SER A 230 9.19 15.58 1.32
CA SER A 230 8.23 15.87 0.26
C SER A 230 7.74 17.31 0.31
N LYS A 231 7.10 17.66 1.42
CA LYS A 231 6.48 18.97 1.55
C LYS A 231 7.41 19.97 2.23
N PRO A 256 -0.71 24.70 5.13
CA PRO A 256 -0.53 24.22 3.76
C PRO A 256 -1.37 22.99 3.47
N SER A 257 -2.28 23.09 2.51
CA SER A 257 -3.11 21.95 2.14
C SER A 257 -2.28 20.76 1.65
N ARG A 258 -1.18 21.03 0.95
CA ARG A 258 -0.36 19.97 0.37
C ARG A 258 0.35 19.21 1.46
N GLU A 259 0.67 19.93 2.52
CA GLU A 259 1.53 19.36 3.55
C GLU A 259 0.85 18.83 4.76
N LYS A 260 -0.25 19.46 5.15
CA LYS A 260 -1.06 18.96 6.27
C LYS A 260 -1.54 17.54 5.94
N LYS A 261 -1.95 17.35 4.70
CA LYS A 261 -2.52 16.08 4.25
C LYS A 261 -1.54 14.91 4.32
N VAL A 262 -0.27 15.18 4.00
CA VAL A 262 0.76 14.14 4.05
C VAL A 262 0.87 13.59 5.47
N THR A 263 1.08 14.49 6.42
CA THR A 263 1.15 14.13 7.83
C THR A 263 -0.14 13.45 8.27
N ARG A 264 -1.26 13.89 7.71
CA ARG A 264 -2.57 13.30 8.01
C ARG A 264 -2.62 11.82 7.62
N THR A 265 -2.36 11.52 6.35
CA THR A 265 -2.42 10.16 5.84
C THR A 265 -1.40 9.27 6.54
N ILE A 266 -0.16 9.75 6.63
CA ILE A 266 0.90 9.00 7.30
C ILE A 266 0.53 8.67 8.73
N LEU A 267 -0.03 9.65 9.44
CA LEU A 267 -0.47 9.44 10.81
C LEU A 267 -1.59 8.41 10.90
N ALA A 268 -2.57 8.50 10.00
CA ALA A 268 -3.66 7.55 9.98
C ALA A 268 -3.12 6.12 9.82
N ILE A 269 -2.26 5.93 8.83
CA ILE A 269 -1.67 4.64 8.55
C ILE A 269 -0.87 4.09 9.73
N LEU A 270 0.08 4.89 10.23
CA LEU A 270 0.94 4.46 11.32
C LEU A 270 0.16 4.16 12.60
N LEU A 271 -0.77 5.04 12.95
CA LEU A 271 -1.60 4.83 14.13
C LEU A 271 -2.45 3.58 13.99
N ALA A 272 -2.93 3.32 12.79
CA ALA A 272 -3.67 2.09 12.53
C ALA A 272 -2.80 0.87 12.80
N PHE A 273 -1.67 0.79 12.09
CA PHE A 273 -0.74 -0.33 12.22
C PHE A 273 -0.31 -0.56 13.66
N ILE A 274 -0.05 0.52 14.38
CA ILE A 274 0.42 0.43 15.75
C ILE A 274 -0.68 0.01 16.73
N ILE A 275 -1.81 0.74 16.73
CA ILE A 275 -2.90 0.42 17.62
C ILE A 275 -3.44 -1.00 17.39
N THR A 276 -3.24 -1.52 16.19
CA THR A 276 -3.67 -2.89 15.90
C THR A 276 -2.64 -3.95 16.26
N TRP A 277 -1.42 -3.79 15.76
CA TRP A 277 -0.41 -4.84 15.91
C TRP A 277 0.40 -4.82 17.20
N ALA A 278 0.56 -3.63 17.78
CA ALA A 278 1.35 -3.49 19.01
C ALA A 278 0.86 -4.26 20.25
N PRO A 279 -0.46 -4.22 20.55
CA PRO A 279 -0.92 -4.94 21.75
C PRO A 279 -0.44 -6.38 21.82
N TYR A 280 -0.80 -7.21 20.84
CA TYR A 280 -0.40 -8.62 20.85
C TYR A 280 1.12 -8.83 20.91
N ASN A 281 1.86 -8.05 20.13
CA ASN A 281 3.32 -8.21 20.08
C ASN A 281 4.01 -7.91 21.39
N VAL A 282 3.41 -7.03 22.19
CA VAL A 282 3.94 -6.75 23.52
C VAL A 282 3.34 -7.71 24.54
N MET A 283 2.15 -8.23 24.24
CA MET A 283 1.53 -9.25 25.08
C MET A 283 2.32 -10.54 24.95
N VAL A 284 2.84 -10.78 23.75
CA VAL A 284 3.67 -11.94 23.49
C VAL A 284 4.96 -11.84 24.30
N LEU A 285 5.45 -10.63 24.48
CA LEU A 285 6.68 -10.38 25.24
C LEU A 285 6.45 -10.49 26.75
N ILE A 286 5.25 -10.12 27.19
CA ILE A 286 4.90 -10.20 28.61
C ILE A 286 4.76 -11.65 29.06
N ASN A 287 4.03 -12.43 28.27
CA ASN A 287 3.75 -13.83 28.60
C ASN A 287 4.98 -14.72 28.53
N THR A 288 6.00 -14.27 27.80
CA THR A 288 7.19 -15.09 27.57
C THR A 288 8.08 -15.18 28.82
N PHE A 289 7.84 -14.32 29.79
CA PHE A 289 8.63 -14.29 31.01
C PHE A 289 7.98 -15.09 32.14
N CYS A 290 6.66 -14.98 32.24
CA CYS A 290 5.92 -15.68 33.30
C CYS A 290 4.67 -16.35 32.75
N ALA A 291 4.45 -17.59 33.17
CA ALA A 291 3.34 -18.40 32.67
C ALA A 291 1.94 -17.98 33.16
N PRO A 292 1.75 -17.82 34.48
CA PRO A 292 0.39 -17.49 34.92
C PRO A 292 0.07 -16.00 34.81
N CYS A 293 0.99 -15.23 34.24
CA CYS A 293 0.87 -13.77 34.23
C CYS A 293 -0.26 -13.22 33.35
N ILE A 294 -0.54 -13.89 32.24
CA ILE A 294 -1.57 -13.40 31.33
C ILE A 294 -2.79 -14.30 31.26
N PRO A 295 -3.98 -13.74 31.53
CA PRO A 295 -5.26 -14.45 31.44
C PRO A 295 -5.65 -14.71 29.99
N ASN A 296 -6.92 -15.01 29.76
CA ASN A 296 -7.38 -15.37 28.42
C ASN A 296 -8.24 -14.30 27.74
N THR A 297 -8.93 -13.49 28.54
CA THR A 297 -9.79 -12.44 28.00
C THR A 297 -8.96 -11.39 27.29
N VAL A 298 -7.93 -10.91 27.99
CA VAL A 298 -7.03 -9.92 27.40
C VAL A 298 -6.30 -10.50 26.19
N TRP A 299 -5.96 -11.79 26.24
CA TRP A 299 -5.38 -12.48 25.08
C TRP A 299 -6.30 -12.40 23.87
N THR A 300 -7.57 -12.72 24.09
CA THR A 300 -8.60 -12.63 23.06
C THR A 300 -8.65 -11.22 22.48
N ILE A 301 -8.65 -10.23 23.37
CA ILE A 301 -8.64 -8.82 22.97
C ILE A 301 -7.45 -8.52 22.05
N GLY A 302 -6.26 -8.97 22.43
CA GLY A 302 -5.06 -8.74 21.65
C GLY A 302 -5.14 -9.36 20.28
N TYR A 303 -5.52 -10.64 20.23
CA TYR A 303 -5.66 -11.36 18.96
C TYR A 303 -6.63 -10.66 18.02
N TRP A 304 -7.80 -10.30 18.54
CA TRP A 304 -8.79 -9.59 17.72
C TRP A 304 -8.27 -8.25 17.24
N LEU A 305 -7.54 -7.54 18.11
CA LEU A 305 -6.93 -6.27 17.75
C LEU A 305 -5.94 -6.45 16.62
N CYS A 306 -5.27 -7.61 16.57
CA CYS A 306 -4.40 -7.92 15.45
C CYS A 306 -5.20 -8.22 14.20
N TYR A 307 -6.33 -8.89 14.36
CA TYR A 307 -7.18 -9.27 13.23
C TYR A 307 -7.78 -8.06 12.51
N ILE A 308 -8.28 -7.09 13.27
CA ILE A 308 -9.01 -5.96 12.69
C ILE A 308 -8.19 -5.08 11.74
N ASN A 309 -6.87 -5.19 11.81
CA ASN A 309 -6.00 -4.46 10.90
C ASN A 309 -6.29 -4.84 9.45
N SER A 310 -6.55 -6.13 9.24
CA SER A 310 -6.90 -6.66 7.93
C SER A 310 -8.31 -6.25 7.54
N THR A 311 -9.01 -5.58 8.45
CA THR A 311 -10.34 -5.06 8.17
C THR A 311 -10.28 -3.57 7.87
N ILE A 312 -9.31 -2.88 8.47
CA ILE A 312 -9.17 -1.44 8.27
C ILE A 312 -8.16 -1.07 7.18
N ASN A 313 -7.46 -2.07 6.66
CA ASN A 313 -6.51 -1.84 5.56
C ASN A 313 -7.09 -1.14 4.31
N PRO A 314 -8.28 -1.56 3.83
CA PRO A 314 -8.84 -0.84 2.68
C PRO A 314 -9.19 0.62 2.97
N ALA A 315 -9.30 0.97 4.25
CA ALA A 315 -9.66 2.34 4.61
C ALA A 315 -8.45 3.28 4.59
N CYS A 316 -7.29 2.76 4.98
CA CYS A 316 -6.10 3.58 5.10
C CYS A 316 -5.21 3.55 3.85
N TYR A 317 -5.57 2.69 2.90
CA TYR A 317 -4.79 2.55 1.69
C TYR A 317 -5.63 2.71 0.43
N ALA A 318 -6.78 2.04 0.40
CA ALA A 318 -7.65 2.10 -0.77
C ALA A 318 -8.64 3.25 -0.66
N LEU A 319 -9.51 3.21 0.35
CA LEU A 319 -10.57 4.20 0.50
C LEU A 319 -10.06 5.57 0.96
N CYS A 320 -8.79 5.64 1.36
CA CYS A 320 -8.18 6.91 1.70
C CYS A 320 -8.05 7.76 0.45
N ASN A 321 -7.88 7.09 -0.69
CA ASN A 321 -7.93 7.75 -1.98
C ASN A 321 -9.38 8.00 -2.35
N ALA A 322 -9.62 8.94 -3.27
CA ALA A 322 -10.97 9.38 -3.56
C ALA A 322 -11.71 8.44 -4.52
N THR A 323 -11.02 8.01 -5.57
CA THR A 323 -11.67 7.21 -6.61
C THR A 323 -12.15 5.85 -6.11
N PHE A 324 -11.31 5.17 -5.32
CA PHE A 324 -11.63 3.82 -4.85
C PHE A 324 -13.03 3.67 -4.27
N LYS A 325 -13.44 4.60 -3.42
CA LYS A 325 -14.76 4.55 -2.79
C LYS A 325 -15.86 4.71 -3.83
N LYS A 326 -15.64 5.65 -4.75
CA LYS A 326 -16.58 5.88 -5.85
C LYS A 326 -16.75 4.63 -6.71
N THR A 327 -15.65 3.90 -6.92
CA THR A 327 -15.69 2.63 -7.60
C THR A 327 -16.54 1.70 -6.75
N PHE A 328 -16.19 1.56 -5.46
CA PHE A 328 -16.90 0.70 -4.51
C PHE A 328 -18.44 0.80 -4.53
N LYS A 329 -18.89 2.05 -4.63
CA LYS A 329 -20.31 2.33 -4.54
C LYS A 329 -21.10 1.57 -5.60
N HIS A 330 -20.69 1.68 -6.86
CA HIS A 330 -21.36 0.93 -7.95
C HIS A 330 -21.44 -0.57 -7.73
N LEU A 331 -20.41 -1.18 -7.16
CA LEU A 331 -20.53 -2.60 -6.86
C LEU A 331 -21.65 -2.82 -5.84
N LEU A 332 -21.61 -2.05 -4.75
CA LEU A 332 -22.65 -2.23 -3.74
C LEU A 332 -24.00 -1.75 -4.27
N MET A 333 -23.98 -0.60 -4.96
CA MET A 333 -25.19 -0.03 -5.56
C MET A 333 -25.55 -0.74 -6.86
N CYS A 334 -25.06 -1.97 -7.03
CA CYS A 334 -25.33 -2.82 -8.20
C CYS A 334 -24.82 -2.22 -9.51
N GLN B 5 -13.34 9.17 -17.46
CA GLN B 5 -12.81 9.99 -16.37
C GLN B 5 -12.39 11.37 -16.86
N VAL B 6 -11.10 11.52 -17.12
CA VAL B 6 -10.55 12.79 -17.57
C VAL B 6 -9.56 12.60 -18.71
N GLN B 7 -9.70 13.39 -19.77
CA GLN B 7 -8.74 13.36 -20.87
C GLN B 7 -7.82 14.58 -20.81
N LEU B 8 -6.53 14.35 -21.06
CA LEU B 8 -5.55 15.43 -21.06
C LEU B 8 -5.03 15.65 -22.48
N GLN B 9 -5.31 16.82 -23.03
CA GLN B 9 -4.86 17.12 -24.39
C GLN B 9 -3.76 18.17 -24.43
N GLU B 10 -2.86 18.01 -25.40
CA GLU B 10 -1.67 18.85 -25.48
C GLU B 10 -1.70 19.73 -26.72
N SER B 11 -0.82 20.73 -26.76
CA SER B 11 -0.77 21.65 -27.89
C SER B 11 0.66 22.12 -28.15
N GLY B 12 0.81 22.98 -29.16
CA GLY B 12 2.10 23.58 -29.47
C GLY B 12 3.00 22.74 -30.36
N GLY B 13 2.64 21.48 -30.57
CA GLY B 13 3.43 20.57 -31.39
C GLY B 13 3.71 21.12 -32.79
N GLY B 14 4.99 21.17 -33.15
CA GLY B 14 5.38 21.70 -34.44
C GLY B 14 6.86 21.63 -34.75
N LEU B 15 7.27 22.30 -35.82
CA LEU B 15 8.67 22.33 -36.25
C LEU B 15 9.40 23.57 -35.75
N VAL B 16 10.68 23.41 -35.44
CA VAL B 16 11.52 24.51 -35.00
C VAL B 16 13.00 24.25 -35.31
N GLN B 17 13.71 25.28 -35.75
CA GLN B 17 15.14 25.16 -36.02
C GLN B 17 15.94 25.21 -34.72
N ALA B 18 17.17 24.69 -34.77
CA ALA B 18 18.03 24.66 -33.59
C ALA B 18 18.29 26.06 -33.03
N GLY B 19 17.94 26.26 -31.77
CA GLY B 19 18.13 27.54 -31.11
C GLY B 19 16.81 28.23 -30.77
N ASP B 20 15.75 27.83 -31.47
CA ASP B 20 14.44 28.42 -31.25
C ASP B 20 13.76 27.84 -30.00
N SER B 21 12.50 28.22 -29.78
CA SER B 21 11.78 27.80 -28.59
C SER B 21 10.32 27.50 -28.87
N LEU B 22 9.67 26.83 -27.92
CA LEU B 22 8.27 26.43 -28.07
C LEU B 22 7.55 26.43 -26.74
N ARG B 23 6.22 26.41 -26.80
CA ARG B 23 5.38 26.38 -25.61
C ARG B 23 4.32 25.29 -25.74
N LEU B 24 4.55 24.17 -25.06
CA LEU B 24 3.58 23.08 -25.03
C LEU B 24 2.59 23.30 -23.89
N SER B 25 1.30 23.21 -24.19
CA SER B 25 0.28 23.41 -23.17
C SER B 25 -0.56 22.16 -22.94
N CYS B 26 -0.66 21.74 -21.69
CA CYS B 26 -1.48 20.58 -21.34
C CYS B 26 -2.75 21.00 -20.61
N ALA B 27 -3.90 20.69 -21.21
CA ALA B 27 -5.18 20.99 -20.61
C ALA B 27 -5.86 19.70 -20.15
N ALA B 28 -6.37 19.73 -18.93
CA ALA B 28 -7.09 18.60 -18.35
C ALA B 28 -8.58 18.93 -18.26
N SER B 29 -9.42 17.96 -18.61
CA SER B 29 -10.86 18.17 -18.62
C SER B 29 -11.44 18.25 -17.21
N GLY B 30 -12.72 18.56 -17.14
CA GLY B 30 -13.43 18.59 -15.88
C GLY B 30 -13.41 17.24 -15.18
N PHE B 31 -13.23 17.29 -13.86
CA PHE B 31 -13.11 16.08 -13.05
C PHE B 31 -14.14 16.11 -11.91
N ASP B 32 -14.62 14.95 -11.50
CA ASP B 32 -15.61 14.87 -10.41
C ASP B 32 -14.96 14.74 -9.02
N PHE B 33 -15.34 15.64 -8.13
CA PHE B 33 -14.88 15.66 -6.74
C PHE B 33 -13.41 16.01 -6.56
N ASP B 34 -12.54 15.23 -7.20
CA ASP B 34 -11.12 15.49 -7.15
C ASP B 34 -10.81 16.89 -7.65
N ASN B 35 -9.99 17.60 -6.89
CA ASN B 35 -9.61 18.96 -7.24
C ASN B 35 -8.28 18.97 -7.99
N PHE B 36 -8.25 19.70 -9.10
CA PHE B 36 -7.03 19.90 -9.89
C PHE B 36 -5.84 20.17 -8.98
N ASP B 37 -6.11 20.91 -7.92
CA ASP B 37 -5.19 21.10 -6.81
C ASP B 37 -4.63 19.77 -6.29
N ASP B 38 -5.46 18.73 -6.23
CA ASP B 38 -5.01 17.45 -5.69
C ASP B 38 -4.16 16.62 -6.66
N TYR B 39 -3.81 17.20 -7.81
CA TYR B 39 -3.06 16.47 -8.83
C TYR B 39 -1.70 17.10 -9.12
N ALA B 40 -0.67 16.28 -9.26
CA ALA B 40 0.64 16.76 -9.70
C ALA B 40 0.85 16.36 -11.15
N ILE B 41 1.39 17.27 -11.96
CA ILE B 41 1.43 17.06 -13.41
C ILE B 41 2.83 17.09 -14.00
N GLY B 42 3.16 16.06 -14.79
CA GLY B 42 4.48 15.97 -15.41
C GLY B 42 4.46 15.78 -16.91
N TRP B 43 5.54 16.18 -17.57
CA TRP B 43 5.67 16.04 -19.02
C TRP B 43 6.65 14.91 -19.36
N PHE B 44 6.25 14.05 -20.28
CA PHE B 44 7.10 12.91 -20.66
C PHE B 44 7.30 12.85 -22.17
N ARG B 45 8.56 12.74 -22.59
CA ARG B 45 8.85 12.65 -24.03
C ARG B 45 9.20 11.22 -24.43
N GLN B 46 8.66 10.79 -25.57
CA GLN B 46 8.91 9.45 -26.08
C GLN B 46 9.54 9.52 -27.46
N ALA B 47 10.82 9.18 -27.53
CA ALA B 47 11.57 9.18 -28.78
C ALA B 47 11.43 7.82 -29.45
N PRO B 48 11.66 7.76 -30.79
CA PRO B 48 11.57 6.50 -31.55
C PRO B 48 12.30 5.33 -30.91
N GLY B 49 11.56 4.39 -30.34
CA GLY B 49 12.12 3.19 -29.77
C GLY B 49 12.81 3.41 -28.44
N GLN B 50 12.80 4.65 -27.96
CA GLN B 50 13.44 4.99 -26.69
C GLN B 50 12.44 4.91 -25.54
N GLU B 51 12.95 4.67 -24.33
CA GLU B 51 12.10 4.56 -23.15
C GLU B 51 11.42 5.89 -22.83
N ARG B 52 10.24 5.80 -22.22
CA ARG B 52 9.45 6.98 -21.90
C ARG B 52 10.05 7.71 -20.70
N GLU B 53 11.06 8.56 -20.96
CA GLU B 53 11.74 9.29 -19.91
C GLU B 53 10.97 10.55 -19.49
N GLY B 54 11.17 10.96 -18.24
CA GLY B 54 10.50 12.13 -17.71
C GLY B 54 11.33 13.39 -17.85
N VAL B 55 10.71 14.45 -18.36
CA VAL B 55 11.41 15.72 -18.57
C VAL B 55 11.31 16.62 -17.33
N SER B 56 10.09 16.84 -16.85
CA SER B 56 9.86 17.71 -15.72
C SER B 56 8.50 17.46 -15.09
N CYS B 57 8.31 17.95 -13.87
CA CYS B 57 7.03 17.84 -13.19
C CYS B 57 6.78 19.02 -12.24
N ILE B 58 5.51 19.38 -12.11
CA ILE B 58 5.10 20.52 -11.29
C ILE B 58 3.95 20.13 -10.37
N ASP B 59 4.00 20.64 -9.15
CA ASP B 59 2.90 20.49 -8.21
C ASP B 59 2.20 21.85 -8.10
N PRO B 60 1.01 21.97 -8.72
CA PRO B 60 0.29 23.25 -8.79
C PRO B 60 -0.15 23.76 -7.42
N SER B 61 -0.50 22.86 -6.52
CA SER B 61 -0.98 23.23 -5.19
C SER B 61 0.12 23.89 -4.37
N ASP B 62 1.35 23.45 -4.59
CA ASP B 62 2.48 23.95 -3.82
C ASP B 62 3.36 24.87 -4.65
N GLY B 63 3.28 24.72 -5.98
CA GLY B 63 4.09 25.52 -6.88
C GLY B 63 5.50 25.00 -6.98
N SER B 64 5.73 23.80 -6.44
CA SER B 64 7.06 23.20 -6.42
C SER B 64 7.45 22.63 -7.78
N THR B 65 8.62 23.04 -8.26
CA THR B 65 9.12 22.59 -9.56
C THR B 65 10.20 21.53 -9.40
N ILE B 66 10.03 20.40 -10.10
CA ILE B 66 11.04 19.35 -10.09
C ILE B 66 11.45 18.98 -11.51
N TYR B 67 12.66 19.36 -11.90
CA TYR B 67 13.14 19.11 -13.26
C TYR B 67 14.08 17.91 -13.31
N ALA B 68 14.23 17.33 -14.50
CA ALA B 68 15.19 16.25 -14.70
C ALA B 68 16.56 16.81 -15.02
N ASP B 69 17.60 16.03 -14.73
CA ASP B 69 18.98 16.49 -14.89
C ASP B 69 19.34 16.81 -16.34
N SER B 70 18.53 16.34 -17.28
CA SER B 70 18.80 16.54 -18.70
C SER B 70 18.28 17.88 -19.21
N ALA B 71 17.15 18.32 -18.70
CA ALA B 71 16.50 19.54 -19.19
C ALA B 71 16.45 20.65 -18.15
N LYS B 72 17.51 20.74 -17.34
CA LYS B 72 17.58 21.80 -16.33
C LYS B 72 18.30 23.03 -16.89
N GLY B 73 17.63 24.18 -16.81
CA GLY B 73 18.21 25.43 -17.29
C GLY B 73 17.58 25.93 -18.58
N ARG B 74 16.96 25.01 -19.32
CA ARG B 74 16.32 25.36 -20.58
C ARG B 74 14.80 25.36 -20.47
N PHE B 75 14.27 24.36 -19.77
CA PHE B 75 12.84 24.15 -19.68
C PHE B 75 12.24 24.86 -18.46
N THR B 76 11.10 25.50 -18.65
CA THR B 76 10.41 26.18 -17.55
C THR B 76 8.93 25.81 -17.54
N ILE B 77 8.43 25.39 -16.38
CA ILE B 77 7.05 24.93 -16.29
C ILE B 77 6.25 25.70 -15.24
N SER B 78 4.98 25.95 -15.56
CA SER B 78 4.06 26.60 -14.63
C SER B 78 2.63 26.19 -14.97
N SER B 79 1.66 26.93 -14.43
CA SER B 79 0.26 26.61 -14.66
C SER B 79 -0.68 27.76 -14.32
N ASP B 80 -1.96 27.58 -14.63
CA ASP B 80 -2.99 28.51 -14.21
C ASP B 80 -4.02 27.76 -13.36
N ASN B 81 -3.88 27.88 -12.04
CA ASN B 81 -4.71 27.15 -11.10
C ASN B 81 -6.21 27.33 -11.29
N ALA B 82 -6.61 28.55 -11.66
CA ALA B 82 -8.02 28.83 -11.89
C ALA B 82 -8.51 28.21 -13.19
N GLU B 83 -7.62 28.15 -14.18
CA GLU B 83 -7.97 27.63 -15.49
C GLU B 83 -7.78 26.12 -15.59
N ASN B 84 -7.10 25.56 -14.60
CA ASN B 84 -6.77 24.14 -14.57
C ASN B 84 -6.03 23.67 -15.83
N THR B 85 -4.99 24.41 -16.18
CA THR B 85 -4.21 24.12 -17.38
C THR B 85 -2.74 24.45 -17.15
N VAL B 86 -1.85 23.54 -17.52
CA VAL B 86 -0.42 23.75 -17.28
C VAL B 86 0.33 24.13 -18.56
N TYR B 87 1.40 24.90 -18.40
CA TYR B 87 2.21 25.35 -19.52
C TYR B 87 3.68 25.00 -19.33
N LEU B 88 4.26 24.31 -20.31
CA LEU B 88 5.68 24.00 -20.31
C LEU B 88 6.35 24.67 -21.51
N GLN B 89 7.16 25.70 -21.23
CA GLN B 89 7.89 26.36 -22.30
C GLN B 89 9.34 25.91 -22.32
N MET B 90 9.78 25.45 -23.50
CA MET B 90 11.14 24.98 -23.67
C MET B 90 11.92 25.91 -24.60
N ASN B 91 13.13 26.27 -24.17
CA ASN B 91 13.95 27.22 -24.91
C ASN B 91 15.30 26.64 -25.29
N SER B 92 15.88 27.17 -26.36
CA SER B 92 17.17 26.71 -26.88
C SER B 92 17.18 25.21 -27.15
N LEU B 93 16.25 24.76 -27.98
CA LEU B 93 16.10 23.33 -28.24
C LEU B 93 17.16 22.76 -29.16
N LYS B 94 17.32 21.44 -29.10
CA LYS B 94 18.28 20.72 -29.92
C LYS B 94 17.55 19.65 -30.71
N PRO B 95 18.18 19.11 -31.77
CA PRO B 95 17.54 18.03 -32.53
C PRO B 95 17.45 16.72 -31.73
N GLU B 96 17.98 16.73 -30.51
CA GLU B 96 17.93 15.58 -29.63
C GLU B 96 16.59 15.52 -28.92
N ASP B 97 15.84 16.62 -29.01
CA ASP B 97 14.57 16.73 -28.32
C ASP B 97 13.38 16.44 -29.23
N THR B 98 13.60 15.58 -30.23
CA THR B 98 12.52 15.16 -31.12
C THR B 98 11.83 13.94 -30.54
N ALA B 99 10.64 14.16 -29.98
CA ALA B 99 9.90 13.09 -29.33
C ALA B 99 8.43 13.46 -29.18
N VAL B 100 7.60 12.46 -28.87
CA VAL B 100 6.18 12.72 -28.62
C VAL B 100 5.98 13.10 -27.16
N TYR B 101 5.48 14.30 -26.93
CA TYR B 101 5.31 14.81 -25.57
C TYR B 101 3.90 14.58 -25.03
N VAL B 102 3.82 13.74 -24.01
CA VAL B 102 2.55 13.42 -23.35
C VAL B 102 2.48 14.03 -21.96
N CYS B 103 1.27 14.18 -21.46
CA CYS B 103 1.01 14.85 -20.19
C CYS B 103 0.44 13.88 -19.15
N SER B 104 1.17 13.69 -18.07
CA SER B 104 0.76 12.76 -17.01
C SER B 104 0.31 13.48 -15.75
N ALA B 105 -0.58 12.84 -15.00
CA ALA B 105 -1.04 13.38 -13.73
C ALA B 105 -1.12 12.26 -12.71
N TRP B 106 -0.49 12.43 -11.56
CA TRP B 106 -0.59 11.41 -10.53
C TRP B 106 -1.19 11.96 -9.24
N THR B 107 -2.21 11.28 -8.71
CA THR B 107 -2.63 11.63 -7.35
C THR B 107 -1.52 11.15 -6.43
N LEU B 108 -1.38 11.79 -5.27
CA LEU B 108 -0.34 11.43 -4.32
C LEU B 108 -0.28 9.91 -4.06
N PHE B 109 0.94 9.37 -4.08
CA PHE B 109 1.23 7.94 -3.95
C PHE B 109 0.89 7.10 -5.19
N HIS B 110 0.66 7.75 -6.32
CA HIS B 110 0.44 7.09 -7.60
C HIS B 110 -0.84 6.24 -7.72
N SER B 111 -1.92 6.75 -7.14
CA SER B 111 -3.26 6.26 -7.44
C SER B 111 -3.84 7.34 -8.34
N ASP B 112 -4.91 7.05 -9.09
CA ASP B 112 -5.42 7.98 -10.10
C ASP B 112 -4.27 8.62 -10.87
N GLU B 113 -3.64 7.82 -11.72
CA GLU B 113 -2.61 8.32 -12.61
C GLU B 113 -3.13 8.29 -14.03
N TYR B 114 -2.81 9.34 -14.78
CA TYR B 114 -3.39 9.54 -16.09
C TYR B 114 -2.29 9.90 -17.07
N TRP B 115 -2.50 9.49 -18.32
CA TRP B 115 -1.61 9.81 -19.41
C TRP B 115 -2.45 10.34 -20.56
N GLY B 116 -1.89 11.27 -21.33
CA GLY B 116 -2.63 11.90 -22.41
C GLY B 116 -2.41 11.25 -23.76
N GLN B 117 -2.66 12.03 -24.81
CA GLN B 117 -2.50 11.56 -26.18
C GLN B 117 -1.10 11.86 -26.68
N GLY B 118 -0.69 13.11 -26.54
CA GLY B 118 0.67 13.51 -26.88
C GLY B 118 0.75 14.33 -28.16
N THR B 119 1.72 15.24 -28.20
CA THR B 119 1.94 16.04 -29.41
C THR B 119 3.37 15.91 -29.92
N GLN B 120 3.52 15.92 -31.23
CA GLN B 120 4.83 15.73 -31.85
C GLN B 120 5.63 17.03 -31.91
N VAL B 121 6.87 16.97 -31.43
CA VAL B 121 7.78 18.10 -31.49
C VAL B 121 9.06 17.70 -32.22
N THR B 122 9.25 18.23 -33.42
CA THR B 122 10.40 17.89 -34.24
C THR B 122 11.32 19.09 -34.43
N VAL B 123 12.60 18.90 -34.13
CA VAL B 123 13.58 19.98 -34.24
C VAL B 123 14.50 19.77 -35.44
N SER B 124 14.60 20.79 -36.30
CA SER B 124 15.40 20.70 -37.51
C SER B 124 16.90 20.88 -37.24
N SER B 125 17.66 21.09 -38.31
CA SER B 125 19.11 21.28 -38.24
C SER B 125 19.81 20.13 -37.53
C01 IXO C . -3.02 -13.27 15.09
N02 IXO C . -1.57 -13.24 15.03
C03 IXO C . -1.04 -14.12 16.02
C04 IXO C . -1.06 -11.85 15.29
C05 IXO C . -1.13 -13.69 13.72
C06 IXO C . 0.33 -13.46 13.38
C07 IXO C . 1.56 -13.32 13.00
C08 IXO C . 3.04 -13.23 12.69
O09 IXO C . 3.53 -12.00 12.17
C10 IXO C . 3.24 -10.81 12.79
N11 IXO C . 2.93 -10.64 14.15
O12 IXO C . 2.72 -9.32 14.41
C13 IXO C . 3.20 -8.59 13.28
C14 IXO C . 3.22 -9.53 12.17
C15 2CU D . -0.47 -17.89 23.38
C16 2CU D . -0.06 -17.29 22.07
C18 2CU D . -3.09 -17.56 23.03
C20 2CU D . -4.26 -17.87 23.81
C24 2CU D . -5.69 -17.59 23.41
C22 2CU D . -2.12 -18.60 25.04
C10 2CU D . 1.24 -20.80 26.63
C01 2CU D . -0.44 -22.68 32.40
N02 2CU D . 0.17 -22.81 31.32
C03 2CU D . 1.44 -22.24 31.37
C04 2CU D . 2.17 -22.40 30.07
N05 2CU D . 1.43 -22.04 28.96
C06 2CU D . 0.15 -22.53 28.96
C07 2CU D . -0.58 -22.30 30.25
C08 2CU D . 2.02 -21.22 27.87
O09 2CU D . 3.16 -20.83 27.96
O11 2CU D . 1.19 -19.44 26.34
C12 2CU D . 0.18 -18.96 25.49
C13 2CU D . 0.52 -18.38 24.26
CL1 2CU D . 2.19 -18.29 23.85
C17 2CU D . -1.85 -18.01 23.80
N19 2CU D . -3.18 -16.94 21.73
S21 2CU D . -3.78 -18.59 25.25
N23 2CU D . -1.12 -19.05 25.85
O25 2CU D . -5.94 -17.18 22.28
N26 2CU D . -6.76 -17.79 24.37
C27 2CU D . -8.12 -17.51 23.99
C28 2CU D . -9.13 -18.50 24.47
C29 2CU D . -9.04 -17.15 25.10
#